data_3HAD
#
_entry.id   3HAD
#
_cell.length_a   50.230
_cell.length_b   86.020
_cell.length_c   167.810
_cell.angle_alpha   90.00
_cell.angle_beta   90.00
_cell.angle_gamma   90.00
#
_symmetry.space_group_name_H-M   'P 21 21 21'
#
loop_
_entity.id
_entity.type
_entity.pdbx_description
1 polymer 'PROTEIN (L-3-HYDROXYACYL COA DEHYDROGENASE)'
2 non-polymer NICOTINAMIDE-ADENINE-DINUCLEOTIDE
3 water water
#
_entity_poly.entity_id   1
_entity_poly.type   'polypeptide(L)'
_entity_poly.pdbx_seq_one_letter_code
;SSSSTASASAKKIIVKHVTVIGGGLMGAGIAQVAAATGHTVVLVDQTEDILAKSKKGIEESLRKVAKKKFAENPKAGDEF
VEKTLSTIATSTDAASVVHSTDLVVEAIVENLKVKNELFKRLDKRAAEHTIFASNTSSLQITSIANATTRQDRFAGLHFF
NPVPVMKLVEVIKTPMTSQKTFESLVDFSKALGKHPVSCKDTPGFIVNRLLVPYLMEAIRLYERGDASKEDIDTAMKLGA
GYPMGPFELLDYVGLDTTKFIVDGWHEMDAENPLHQPSPSLNKLVAENKFGKKTGEGFYKYKHHHHHH
;
_entity_poly.pdbx_strand_id   A,B
#
loop_
_chem_comp.id
_chem_comp.type
_chem_comp.name
_chem_comp.formula
NAD non-polymer NICOTINAMIDE-ADENINE-DINUCLEOTIDE 'C21 H27 N7 O14 P2'
#
# COMPACT_ATOMS: atom_id res chain seq x y z
N LYS A 12 20.38 -21.66 -25.43
CA LYS A 12 19.07 -20.97 -25.20
C LYS A 12 18.45 -20.40 -26.47
N ILE A 13 17.13 -20.49 -26.57
CA ILE A 13 16.40 -19.93 -27.71
C ILE A 13 15.87 -18.58 -27.20
N ILE A 14 16.36 -17.50 -27.79
CA ILE A 14 15.97 -16.16 -27.36
C ILE A 14 14.75 -15.60 -28.09
N VAL A 15 13.79 -15.13 -27.32
CA VAL A 15 12.57 -14.58 -27.91
C VAL A 15 12.86 -13.34 -28.76
N LYS A 16 12.48 -13.41 -30.04
CA LYS A 16 12.66 -12.32 -30.98
C LYS A 16 11.34 -11.99 -31.66
N HIS A 17 10.56 -13.02 -31.96
CA HIS A 17 9.25 -12.82 -32.57
C HIS A 17 8.18 -13.13 -31.53
N VAL A 18 7.30 -12.16 -31.28
CA VAL A 18 6.25 -12.32 -30.29
C VAL A 18 4.88 -12.12 -30.91
N THR A 19 3.98 -13.05 -30.63
CA THR A 19 2.62 -12.94 -31.12
C THR A 19 1.77 -12.56 -29.91
N VAL A 20 1.20 -11.36 -29.97
CA VAL A 20 0.39 -10.85 -28.89
C VAL A 20 -1.09 -10.98 -29.28
N ILE A 21 -1.83 -11.76 -28.52
CA ILE A 21 -3.24 -11.97 -28.81
C ILE A 21 -4.13 -11.16 -27.90
N GLY A 22 -4.77 -10.16 -28.49
CA GLY A 22 -5.66 -9.28 -27.74
C GLY A 22 -5.11 -7.86 -27.81
N GLY A 23 -5.74 -6.99 -28.56
CA GLY A 23 -5.27 -5.62 -28.67
C GLY A 23 -6.04 -4.66 -27.78
N GLY A 24 -6.44 -5.12 -26.60
CA GLY A 24 -7.18 -4.28 -25.68
C GLY A 24 -6.22 -3.50 -24.80
N LEU A 25 -6.72 -3.04 -23.65
CA LEU A 25 -5.89 -2.26 -22.74
C LEU A 25 -4.53 -2.88 -22.46
N MET A 26 -4.52 -4.17 -22.15
CA MET A 26 -3.28 -4.86 -21.83
C MET A 26 -2.48 -5.33 -23.04
N GLY A 27 -3.13 -6.04 -23.95
CA GLY A 27 -2.43 -6.54 -25.12
C GLY A 27 -1.71 -5.43 -25.88
N ALA A 28 -2.44 -4.37 -26.21
CA ALA A 28 -1.89 -3.25 -26.95
C ALA A 28 -0.65 -2.71 -26.29
N GLY A 29 -0.68 -2.66 -24.96
CA GLY A 29 0.47 -2.15 -24.23
C GLY A 29 1.64 -3.12 -24.29
N ILE A 30 1.34 -4.41 -24.26
CA ILE A 30 2.37 -5.43 -24.32
C ILE A 30 3.06 -5.36 -25.69
N ALA A 31 2.26 -5.20 -26.74
CA ALA A 31 2.78 -5.11 -28.11
C ALA A 31 3.68 -3.88 -28.27
N GLN A 32 3.26 -2.77 -27.68
CA GLN A 32 4.02 -1.53 -27.76
C GLN A 32 5.40 -1.67 -27.13
N VAL A 33 5.44 -2.18 -25.91
CA VAL A 33 6.70 -2.35 -25.22
C VAL A 33 7.60 -3.36 -25.93
N ALA A 34 7.01 -4.47 -26.40
CA ALA A 34 7.82 -5.49 -27.07
C ALA A 34 8.43 -4.90 -28.33
N ALA A 35 7.64 -4.13 -29.05
CA ALA A 35 8.13 -3.52 -30.29
C ALA A 35 9.13 -2.40 -30.07
N ALA A 36 8.94 -1.62 -29.01
CA ALA A 36 9.84 -0.52 -28.72
C ALA A 36 11.18 -1.04 -28.19
N THR A 37 11.21 -2.31 -27.79
CA THR A 37 12.45 -2.89 -27.30
C THR A 37 13.10 -3.84 -28.29
N GLY A 38 12.81 -3.65 -29.56
CA GLY A 38 13.44 -4.47 -30.59
C GLY A 38 12.82 -5.80 -31.01
N HIS A 39 11.67 -6.18 -30.46
CA HIS A 39 11.08 -7.45 -30.86
C HIS A 39 10.19 -7.27 -32.06
N THR A 40 10.06 -8.33 -32.86
CA THR A 40 9.17 -8.30 -34.01
C THR A 40 7.84 -8.78 -33.46
N VAL A 41 6.79 -8.01 -33.70
CA VAL A 41 5.50 -8.34 -33.14
C VAL A 41 4.33 -8.46 -34.09
N VAL A 42 3.45 -9.40 -33.78
CA VAL A 42 2.24 -9.56 -34.56
C VAL A 42 1.13 -9.44 -33.53
N LEU A 43 0.34 -8.39 -33.65
CA LEU A 43 -0.79 -8.16 -32.75
C LEU A 43 -1.98 -8.79 -33.43
N VAL A 44 -2.74 -9.57 -32.66
CA VAL A 44 -3.90 -10.28 -33.14
C VAL A 44 -5.18 -9.90 -32.40
N ASP A 45 -6.26 -9.74 -33.16
CA ASP A 45 -7.56 -9.48 -32.57
C ASP A 45 -8.63 -9.88 -33.59
N GLN A 46 -9.86 -9.95 -33.13
CA GLN A 46 -10.99 -10.41 -33.93
C GLN A 46 -11.31 -9.76 -35.26
N THR A 47 -11.16 -8.44 -35.36
CA THR A 47 -11.49 -7.74 -36.59
C THR A 47 -10.41 -6.78 -37.04
N GLU A 48 -10.37 -6.49 -38.34
CA GLU A 48 -9.37 -5.56 -38.85
C GLU A 48 -9.66 -4.17 -38.28
N ASP A 49 -10.91 -3.93 -37.91
CA ASP A 49 -11.26 -2.65 -37.31
C ASP A 49 -10.69 -2.55 -35.92
N ILE A 50 -10.91 -3.57 -35.11
CA ILE A 50 -10.39 -3.58 -33.76
C ILE A 50 -8.89 -3.37 -33.81
N LEU A 51 -8.21 -4.12 -34.68
CA LEU A 51 -6.78 -4.00 -34.81
C LEU A 51 -6.36 -2.58 -35.20
N ALA A 52 -7.05 -2.03 -36.20
CA ALA A 52 -6.74 -0.67 -36.65
C ALA A 52 -6.85 0.29 -35.46
N LYS A 53 -7.96 0.17 -34.73
CA LYS A 53 -8.18 1.01 -33.57
C LYS A 53 -7.11 0.82 -32.51
N SER A 54 -6.71 -0.43 -32.30
CA SER A 54 -5.70 -0.71 -31.29
C SER A 54 -4.34 -0.17 -31.71
N LYS A 55 -4.01 -0.34 -32.97
CA LYS A 55 -2.73 0.13 -33.45
C LYS A 55 -2.73 1.65 -33.40
N LYS A 56 -3.88 2.23 -33.68
CA LYS A 56 -4.01 3.68 -33.65
C LYS A 56 -3.73 4.18 -32.23
N GLY A 57 -4.21 3.42 -31.25
CA GLY A 57 -3.97 3.79 -29.86
C GLY A 57 -2.50 3.68 -29.49
N ILE A 58 -1.83 2.69 -30.05
CA ILE A 58 -0.41 2.48 -29.78
C ILE A 58 0.40 3.65 -30.36
N GLU A 59 0.03 4.09 -31.54
CA GLU A 59 0.69 5.21 -32.20
C GLU A 59 0.53 6.43 -31.29
N GLU A 60 -0.72 6.76 -30.98
CA GLU A 60 -1.01 7.91 -30.13
C GLU A 60 -0.16 7.87 -28.87
N SER A 61 -0.04 6.69 -28.28
CA SER A 61 0.75 6.57 -27.05
C SER A 61 2.24 6.78 -27.29
N LEU A 62 2.74 6.26 -28.39
CA LEU A 62 4.16 6.42 -28.70
C LEU A 62 4.48 7.87 -29.02
N ARG A 63 3.66 8.50 -29.86
CA ARG A 63 3.88 9.90 -30.22
C ARG A 63 3.83 10.78 -28.98
N LYS A 64 2.98 10.41 -28.03
CA LYS A 64 2.87 11.17 -26.80
C LYS A 64 4.18 11.00 -26.02
N VAL A 65 4.71 9.79 -26.02
CA VAL A 65 5.98 9.52 -25.32
C VAL A 65 7.14 10.20 -26.03
N ALA A 66 7.06 10.22 -27.35
CA ALA A 66 8.09 10.82 -28.18
C ALA A 66 8.15 12.32 -28.04
N LYS A 67 6.98 12.96 -28.05
CA LYS A 67 6.91 14.41 -27.92
C LYS A 67 7.38 14.85 -26.54
N LYS A 68 7.75 13.87 -25.71
CA LYS A 68 8.22 14.16 -24.36
C LYS A 68 9.67 13.75 -24.15
N LYS A 69 10.10 12.72 -24.87
CA LYS A 69 11.49 12.25 -24.78
C LYS A 69 12.36 13.04 -25.75
N PHE A 70 11.83 13.28 -26.95
CA PHE A 70 12.54 14.02 -27.98
C PHE A 70 11.94 15.41 -28.17
N ALA A 71 11.63 16.07 -27.06
CA ALA A 71 11.06 17.41 -27.12
C ALA A 71 12.03 18.34 -27.83
N GLU A 72 13.32 18.00 -27.76
CA GLU A 72 14.38 18.79 -28.36
C GLU A 72 14.66 18.40 -29.82
N ASN A 73 13.77 17.61 -30.40
CA ASN A 73 13.99 17.20 -31.77
C ASN A 73 12.83 16.37 -32.29
N PRO A 74 11.83 17.02 -32.89
CA PRO A 74 10.67 16.31 -33.42
C PRO A 74 11.03 15.24 -34.44
N LYS A 75 11.97 15.52 -35.33
CA LYS A 75 12.33 14.51 -36.33
C LYS A 75 12.82 13.23 -35.66
N ALA A 76 13.60 13.37 -34.59
CA ALA A 76 14.12 12.20 -33.90
C ALA A 76 12.97 11.46 -33.24
N GLY A 77 11.97 12.22 -32.83
CA GLY A 77 10.82 11.63 -32.19
C GLY A 77 10.03 10.83 -33.22
N ASP A 78 9.84 11.41 -34.41
CA ASP A 78 9.10 10.74 -35.46
C ASP A 78 9.77 9.43 -35.87
N GLU A 79 11.09 9.46 -36.00
CA GLU A 79 11.83 8.25 -36.40
C GLU A 79 11.59 7.15 -35.37
N PHE A 80 11.73 7.52 -34.10
CA PHE A 80 11.54 6.60 -32.99
C PHE A 80 10.17 5.93 -33.09
N VAL A 81 9.13 6.74 -33.28
CA VAL A 81 7.77 6.21 -33.39
C VAL A 81 7.62 5.31 -34.62
N GLU A 82 8.07 5.78 -35.77
CA GLU A 82 7.95 5.01 -37.01
C GLU A 82 8.60 3.63 -36.99
N LYS A 83 9.79 3.56 -36.38
CA LYS A 83 10.52 2.30 -36.31
C LYS A 83 9.82 1.30 -35.38
N THR A 84 9.29 1.80 -34.27
CA THR A 84 8.59 0.93 -33.32
C THR A 84 7.30 0.42 -33.94
N LEU A 85 6.54 1.35 -34.49
CA LEU A 85 5.26 1.10 -35.10
C LEU A 85 5.35 0.17 -36.31
N SER A 86 6.43 0.28 -37.06
CA SER A 86 6.59 -0.53 -38.26
C SER A 86 6.90 -1.99 -37.95
N THR A 87 7.36 -2.27 -36.73
CA THR A 87 7.67 -3.64 -36.38
C THR A 87 6.49 -4.33 -35.70
N ILE A 88 5.30 -3.78 -35.92
CA ILE A 88 4.09 -4.37 -35.36
C ILE A 88 3.12 -4.71 -36.46
N ALA A 89 3.09 -5.96 -36.89
CA ALA A 89 2.15 -6.38 -37.93
C ALA A 89 0.84 -6.73 -37.21
N THR A 90 -0.22 -6.95 -37.96
CA THR A 90 -1.51 -7.31 -37.35
C THR A 90 -2.17 -8.39 -38.17
N SER A 91 -2.79 -9.35 -37.51
CA SER A 91 -3.48 -10.45 -38.19
C SER A 91 -4.72 -10.80 -37.37
N THR A 92 -5.77 -11.28 -38.03
CA THR A 92 -7.00 -11.63 -37.33
C THR A 92 -7.00 -13.09 -36.86
N ASP A 93 -6.06 -13.89 -37.37
CA ASP A 93 -6.00 -15.29 -36.96
C ASP A 93 -4.57 -15.61 -36.54
N ALA A 94 -4.37 -15.77 -35.24
CA ALA A 94 -3.05 -16.05 -34.69
C ALA A 94 -2.45 -17.33 -35.28
N ALA A 95 -3.32 -18.28 -35.59
CA ALA A 95 -2.92 -19.55 -36.16
C ALA A 95 -2.10 -19.38 -37.44
N SER A 96 -2.31 -18.26 -38.12
CA SER A 96 -1.60 -17.99 -39.37
C SER A 96 -0.16 -17.54 -39.17
N VAL A 97 0.22 -17.18 -37.94
CA VAL A 97 1.58 -16.70 -37.74
C VAL A 97 2.39 -17.37 -36.64
N VAL A 98 1.77 -18.19 -35.80
CA VAL A 98 2.54 -18.80 -34.72
C VAL A 98 3.51 -19.88 -35.14
N HIS A 99 3.38 -20.43 -36.33
CA HIS A 99 4.30 -21.46 -36.77
C HIS A 99 5.71 -20.88 -36.89
N SER A 100 5.83 -19.56 -36.87
CA SER A 100 7.16 -18.96 -36.93
C SER A 100 7.41 -17.95 -35.80
N THR A 101 6.64 -18.05 -34.73
CA THR A 101 6.79 -17.13 -33.59
C THR A 101 7.56 -17.81 -32.45
N ASP A 102 8.18 -17.00 -31.58
CA ASP A 102 8.94 -17.53 -30.45
C ASP A 102 8.11 -17.53 -29.17
N LEU A 103 7.15 -16.63 -29.10
CA LEU A 103 6.35 -16.52 -27.89
C LEU A 103 4.96 -16.01 -28.18
N VAL A 104 3.99 -16.62 -27.53
CA VAL A 104 2.64 -16.15 -27.66
C VAL A 104 2.30 -15.55 -26.29
N VAL A 105 1.83 -14.30 -26.28
CA VAL A 105 1.40 -13.68 -25.04
C VAL A 105 -0.09 -13.40 -25.24
N GLU A 106 -0.92 -14.06 -24.44
CA GLU A 106 -2.37 -13.89 -24.58
C GLU A 106 -3.00 -12.97 -23.55
N ALA A 107 -3.76 -12.00 -24.06
CA ALA A 107 -4.44 -11.02 -23.23
C ALA A 107 -5.83 -10.76 -23.81
N ILE A 108 -6.65 -11.82 -23.90
CA ILE A 108 -8.01 -11.69 -24.42
C ILE A 108 -8.99 -11.80 -23.25
N VAL A 109 -10.29 -11.93 -23.56
CA VAL A 109 -11.35 -12.03 -22.54
C VAL A 109 -10.96 -12.95 -21.40
N GLU A 110 -11.33 -12.54 -20.19
CA GLU A 110 -11.03 -13.28 -18.98
C GLU A 110 -12.09 -14.38 -18.80
N ASN A 111 -12.03 -15.38 -19.67
CA ASN A 111 -12.95 -16.51 -19.66
C ASN A 111 -12.16 -17.76 -19.94
N LEU A 112 -12.17 -18.70 -19.00
CA LEU A 112 -11.41 -19.93 -19.14
C LEU A 112 -11.66 -20.71 -20.43
N LYS A 113 -12.93 -21.01 -20.71
CA LYS A 113 -13.25 -21.77 -21.91
C LYS A 113 -12.70 -21.14 -23.19
N VAL A 114 -12.88 -19.83 -23.34
CA VAL A 114 -12.40 -19.13 -24.53
C VAL A 114 -10.89 -19.26 -24.69
N LYS A 115 -10.18 -19.02 -23.60
CA LYS A 115 -8.72 -19.11 -23.60
C LYS A 115 -8.25 -20.52 -23.95
N ASN A 116 -8.91 -21.53 -23.39
CA ASN A 116 -8.51 -22.90 -23.67
C ASN A 116 -8.74 -23.25 -25.10
N GLU A 117 -9.87 -22.82 -25.65
CA GLU A 117 -10.16 -23.12 -27.05
C GLU A 117 -9.06 -22.47 -27.86
N LEU A 118 -8.71 -21.25 -27.49
CA LEU A 118 -7.64 -20.53 -28.19
C LEU A 118 -6.36 -21.33 -28.21
N PHE A 119 -5.82 -21.64 -27.04
CA PHE A 119 -4.55 -22.37 -26.96
C PHE A 119 -4.55 -23.80 -27.49
N LYS A 120 -5.68 -24.49 -27.36
CA LYS A 120 -5.77 -25.87 -27.85
C LYS A 120 -5.52 -25.84 -29.36
N ARG A 121 -6.12 -24.88 -30.05
CA ARG A 121 -5.94 -24.75 -31.49
C ARG A 121 -4.54 -24.27 -31.85
N LEU A 122 -4.06 -23.19 -31.21
CA LEU A 122 -2.73 -22.68 -31.55
C LEU A 122 -1.66 -23.74 -31.35
N ASP A 123 -1.88 -24.60 -30.37
CA ASP A 123 -0.93 -25.65 -30.05
C ASP A 123 -0.52 -26.43 -31.30
N LYS A 124 -1.46 -26.59 -32.24
CA LYS A 124 -1.25 -27.35 -33.46
C LYS A 124 -0.44 -26.64 -34.55
N ARG A 125 -0.48 -25.31 -34.55
CA ARG A 125 0.23 -24.51 -35.54
C ARG A 125 1.61 -24.06 -35.09
N ALA A 126 1.75 -23.81 -33.79
CA ALA A 126 2.99 -23.29 -33.24
C ALA A 126 4.22 -24.17 -33.40
N ALA A 127 5.35 -23.54 -33.66
CA ALA A 127 6.62 -24.23 -33.82
C ALA A 127 6.88 -24.99 -32.52
N GLU A 128 7.69 -26.03 -32.59
CA GLU A 128 8.01 -26.83 -31.41
C GLU A 128 8.59 -26.03 -30.24
N HIS A 129 9.43 -25.03 -30.54
CA HIS A 129 10.07 -24.27 -29.47
C HIS A 129 9.21 -23.13 -28.94
N THR A 130 8.08 -22.87 -29.59
CA THR A 130 7.22 -21.77 -29.18
C THR A 130 6.68 -21.89 -27.78
N ILE A 131 6.83 -20.81 -27.02
CA ILE A 131 6.35 -20.76 -25.64
C ILE A 131 4.99 -20.06 -25.63
N PHE A 132 4.07 -20.56 -24.78
CA PHE A 132 2.75 -19.96 -24.65
C PHE A 132 2.64 -19.34 -23.27
N ALA A 133 2.11 -18.12 -23.22
CA ALA A 133 1.95 -17.42 -21.96
C ALA A 133 0.63 -16.68 -21.94
N SER A 134 0.01 -16.69 -20.76
CA SER A 134 -1.24 -15.99 -20.55
C SER A 134 -1.04 -14.85 -19.57
N ASN A 135 -1.65 -13.72 -19.86
CA ASN A 135 -1.59 -12.52 -19.02
C ASN A 135 -2.78 -12.50 -18.07
N THR A 136 -3.47 -13.64 -17.94
CA THR A 136 -4.67 -13.73 -17.09
C THR A 136 -4.41 -13.36 -15.63
N SER A 137 -5.29 -12.54 -15.07
CA SER A 137 -5.15 -12.11 -13.68
C SER A 137 -5.83 -13.04 -12.69
N SER A 138 -6.90 -13.70 -13.09
CA SER A 138 -7.64 -14.55 -12.15
C SER A 138 -7.81 -16.04 -12.44
N LEU A 139 -7.38 -16.51 -13.60
CA LEU A 139 -7.53 -17.93 -13.93
C LEU A 139 -6.24 -18.70 -13.65
N GLN A 140 -6.38 -20.00 -13.46
CA GLN A 140 -5.23 -20.86 -13.18
C GLN A 140 -4.43 -21.15 -14.43
N ILE A 141 -3.16 -20.73 -14.42
CA ILE A 141 -2.30 -20.99 -15.57
C ILE A 141 -2.38 -22.50 -15.86
N THR A 142 -2.32 -23.30 -14.80
CA THR A 142 -2.36 -24.76 -14.93
C THR A 142 -3.57 -25.21 -15.75
N SER A 143 -4.73 -24.61 -15.50
CA SER A 143 -5.93 -24.99 -16.23
C SER A 143 -5.79 -24.69 -17.71
N ILE A 144 -5.27 -23.50 -18.02
CA ILE A 144 -5.11 -23.12 -19.42
C ILE A 144 -4.04 -23.97 -20.09
N ALA A 145 -2.97 -24.27 -19.37
CA ALA A 145 -1.87 -25.07 -19.90
C ALA A 145 -2.33 -26.48 -20.33
N ASN A 146 -3.15 -27.11 -19.50
CA ASN A 146 -3.63 -28.45 -19.81
C ASN A 146 -4.59 -28.50 -20.98
N ALA A 147 -4.83 -27.35 -21.60
CA ALA A 147 -5.70 -27.33 -22.76
C ALA A 147 -4.78 -27.63 -23.94
N THR A 148 -3.50 -27.85 -23.64
CA THR A 148 -2.51 -28.16 -24.66
C THR A 148 -1.65 -29.35 -24.24
N THR A 149 -0.69 -29.70 -25.07
CA THR A 149 0.24 -30.79 -24.78
C THR A 149 1.61 -30.14 -24.83
N ARG A 150 1.62 -28.86 -24.48
CA ARG A 150 2.82 -28.02 -24.51
C ARG A 150 3.04 -27.43 -23.10
N GLN A 151 2.65 -28.15 -22.07
CA GLN A 151 2.76 -27.66 -20.71
C GLN A 151 4.16 -27.24 -20.24
N ASP A 152 5.19 -27.91 -20.73
CA ASP A 152 6.54 -27.58 -20.34
C ASP A 152 6.90 -26.21 -20.91
N ARG A 153 6.18 -25.80 -21.95
CA ARG A 153 6.39 -24.51 -22.61
C ARG A 153 5.24 -23.55 -22.38
N PHE A 154 4.56 -23.71 -21.25
CA PHE A 154 3.42 -22.85 -20.93
C PHE A 154 3.63 -22.22 -19.54
N ALA A 155 3.23 -20.97 -19.40
CA ALA A 155 3.38 -20.28 -18.12
C ALA A 155 2.54 -19.02 -18.16
N GLY A 156 2.56 -18.29 -17.06
CA GLY A 156 1.83 -17.05 -17.02
C GLY A 156 2.85 -15.93 -17.12
N LEU A 157 2.49 -14.85 -17.81
CA LEU A 157 3.34 -13.68 -17.94
C LEU A 157 2.36 -12.54 -17.66
N HIS A 158 2.33 -12.11 -16.40
CA HIS A 158 1.37 -11.11 -15.92
C HIS A 158 1.90 -9.67 -15.84
N PHE A 159 1.34 -8.79 -16.67
CA PHE A 159 1.75 -7.39 -16.70
C PHE A 159 0.80 -6.50 -15.91
N PHE A 160 1.10 -5.21 -15.88
CA PHE A 160 0.26 -4.26 -15.16
C PHE A 160 0.03 -3.00 -15.98
N ASN A 161 -1.17 -2.48 -15.86
CA ASN A 161 -1.58 -1.29 -16.59
C ASN A 161 -1.15 0.00 -15.92
N PRO A 162 -0.65 0.97 -16.70
CA PRO A 162 -0.45 0.91 -18.16
C PRO A 162 0.85 0.14 -18.43
N VAL A 163 0.80 -0.83 -19.33
CA VAL A 163 1.99 -1.65 -19.59
C VAL A 163 3.26 -0.90 -19.98
N PRO A 164 3.17 0.11 -20.85
CA PRO A 164 4.41 0.82 -21.20
C PRO A 164 5.04 1.50 -19.99
N VAL A 165 4.27 1.68 -18.91
CA VAL A 165 4.76 2.44 -17.76
C VAL A 165 5.17 1.47 -16.63
N MET A 166 4.30 0.58 -16.19
CA MET A 166 4.59 -0.30 -15.07
C MET A 166 5.77 -1.22 -15.40
N LYS A 167 6.76 -1.23 -14.52
CA LYS A 167 7.97 -2.02 -14.76
C LYS A 167 7.93 -3.45 -14.27
N LEU A 168 6.94 -3.79 -13.46
CA LEU A 168 6.87 -5.14 -12.96
C LEU A 168 6.20 -6.12 -13.93
N VAL A 169 6.63 -7.38 -13.89
CA VAL A 169 5.96 -8.42 -14.65
C VAL A 169 6.13 -9.67 -13.79
N GLU A 170 5.02 -10.38 -13.53
CA GLU A 170 5.07 -11.58 -12.71
C GLU A 170 5.16 -12.79 -13.65
N VAL A 171 6.21 -13.58 -13.50
CA VAL A 171 6.44 -14.76 -14.33
C VAL A 171 5.86 -15.93 -13.54
N ILE A 172 4.74 -16.49 -14.00
CA ILE A 172 4.09 -17.56 -13.28
C ILE A 172 4.41 -18.96 -13.77
N LYS A 173 4.92 -19.78 -12.86
CA LYS A 173 5.33 -21.13 -13.20
C LYS A 173 4.35 -22.18 -12.69
N THR A 174 3.91 -23.10 -13.55
CA THR A 174 3.02 -24.18 -13.10
C THR A 174 3.96 -25.32 -12.76
N PRO A 175 3.45 -26.37 -12.12
CA PRO A 175 4.33 -27.47 -11.80
C PRO A 175 4.96 -28.11 -13.04
N MET A 176 4.41 -27.80 -14.21
CA MET A 176 4.88 -28.36 -15.48
C MET A 176 5.83 -27.48 -16.29
N THR A 177 5.85 -26.18 -16.01
CA THR A 177 6.72 -25.28 -16.75
C THR A 177 8.17 -25.74 -16.59
N SER A 178 8.93 -25.78 -17.68
CA SER A 178 10.33 -26.20 -17.59
C SER A 178 11.19 -25.00 -17.15
N GLN A 179 12.34 -25.29 -16.57
CA GLN A 179 13.25 -24.24 -16.13
C GLN A 179 13.66 -23.44 -17.36
N LYS A 180 13.80 -24.14 -18.49
CA LYS A 180 14.19 -23.51 -19.75
C LYS A 180 13.13 -22.48 -20.17
N THR A 181 11.87 -22.86 -20.05
CA THR A 181 10.78 -21.95 -20.40
C THR A 181 10.79 -20.77 -19.45
N PHE A 182 10.97 -21.07 -18.16
CA PHE A 182 11.00 -20.04 -17.13
C PHE A 182 12.10 -19.01 -17.39
N GLU A 183 13.32 -19.50 -17.58
CA GLU A 183 14.43 -18.60 -17.82
C GLU A 183 14.26 -17.72 -19.05
N SER A 184 13.68 -18.28 -20.10
CA SER A 184 13.48 -17.52 -21.32
C SER A 184 12.51 -16.35 -21.13
N LEU A 185 11.50 -16.55 -20.30
CA LEU A 185 10.53 -15.50 -20.03
C LEU A 185 11.16 -14.45 -19.10
N VAL A 186 12.01 -14.88 -18.18
CA VAL A 186 12.68 -13.92 -17.32
C VAL A 186 13.53 -13.05 -18.25
N ASP A 187 14.30 -13.71 -19.14
CA ASP A 187 15.15 -12.98 -20.09
C ASP A 187 14.34 -12.00 -20.93
N PHE A 188 13.21 -12.50 -21.44
CA PHE A 188 12.32 -11.68 -22.25
C PHE A 188 11.82 -10.48 -21.43
N SER A 189 11.49 -10.73 -20.17
CA SER A 189 11.00 -9.67 -19.28
C SER A 189 12.07 -8.55 -19.17
N LYS A 190 13.32 -8.94 -18.95
CA LYS A 190 14.40 -7.96 -18.83
C LYS A 190 14.62 -7.28 -20.17
N ALA A 191 14.46 -8.04 -21.25
CA ALA A 191 14.62 -7.49 -22.58
C ALA A 191 13.53 -6.45 -22.82
N LEU A 192 12.40 -6.58 -22.13
CA LEU A 192 11.34 -5.60 -22.30
C LEU A 192 11.63 -4.34 -21.49
N GLY A 193 12.62 -4.43 -20.61
CA GLY A 193 12.97 -3.30 -19.77
C GLY A 193 12.22 -3.42 -18.44
N LYS A 194 11.62 -4.59 -18.20
CA LYS A 194 10.86 -4.79 -16.96
C LYS A 194 11.65 -5.61 -15.95
N HIS A 195 11.09 -5.70 -14.75
N HIS A 195 11.12 -5.68 -14.74
CA HIS A 195 11.71 -6.43 -13.64
CA HIS A 195 11.76 -6.44 -13.68
C HIS A 195 10.80 -7.61 -13.31
C HIS A 195 10.84 -7.60 -13.33
N PRO A 196 11.20 -8.82 -13.72
CA PRO A 196 10.41 -10.03 -13.46
C PRO A 196 10.54 -10.56 -12.04
N VAL A 197 9.42 -11.04 -11.49
CA VAL A 197 9.41 -11.67 -10.19
C VAL A 197 8.73 -13.02 -10.42
N SER A 198 9.06 -13.98 -9.56
CA SER A 198 8.54 -15.33 -9.67
C SER A 198 7.45 -15.64 -8.66
N CYS A 199 6.42 -16.39 -9.08
CA CYS A 199 5.35 -16.77 -8.17
C CYS A 199 4.68 -18.06 -8.63
N LYS A 200 4.26 -18.90 -7.68
CA LYS A 200 3.57 -20.14 -8.04
C LYS A 200 2.23 -19.79 -8.67
N ASP A 201 1.61 -20.77 -9.32
CA ASP A 201 0.32 -20.57 -9.96
C ASP A 201 -0.74 -20.61 -8.85
N THR A 202 -0.79 -19.54 -8.06
CA THR A 202 -1.75 -19.45 -6.98
C THR A 202 -2.60 -18.22 -7.25
N PRO A 203 -3.88 -18.24 -6.86
CA PRO A 203 -4.74 -17.09 -7.11
C PRO A 203 -4.23 -15.72 -6.66
N GLY A 204 -4.25 -14.78 -7.59
CA GLY A 204 -3.78 -13.44 -7.30
C GLY A 204 -2.29 -13.28 -7.48
N PHE A 205 -1.57 -14.39 -7.56
CA PHE A 205 -0.12 -14.37 -7.72
C PHE A 205 0.42 -13.52 -6.56
N ILE A 206 1.20 -12.48 -6.84
CA ILE A 206 1.70 -11.67 -5.72
C ILE A 206 0.92 -10.38 -5.54
N VAL A 207 1.07 -9.47 -6.48
CA VAL A 207 0.39 -8.17 -6.39
C VAL A 207 -1.11 -8.22 -6.06
N ASN A 208 -1.93 -8.78 -6.96
CA ASN A 208 -3.36 -8.80 -6.65
C ASN A 208 -3.73 -9.55 -5.37
N ARG A 209 -3.01 -10.62 -5.07
CA ARG A 209 -3.29 -11.38 -3.85
C ARG A 209 -3.07 -10.56 -2.58
N LEU A 210 -2.17 -9.57 -2.64
CA LEU A 210 -1.89 -8.72 -1.49
C LEU A 210 -2.61 -7.39 -1.61
N LEU A 211 -2.88 -6.98 -2.85
CA LEU A 211 -3.56 -5.71 -3.09
C LEU A 211 -5.09 -5.76 -2.97
N VAL A 212 -5.74 -6.66 -3.72
CA VAL A 212 -7.19 -6.71 -3.71
C VAL A 212 -7.89 -6.93 -2.37
N PRO A 213 -7.43 -7.90 -1.56
CA PRO A 213 -8.06 -8.11 -0.26
C PRO A 213 -7.95 -6.85 0.59
N TYR A 214 -6.87 -6.08 0.39
CA TYR A 214 -6.71 -4.84 1.16
C TYR A 214 -7.77 -3.83 0.71
N LEU A 215 -7.95 -3.67 -0.60
CA LEU A 215 -8.94 -2.74 -1.12
C LEU A 215 -10.34 -3.13 -0.60
N MET A 216 -10.62 -4.42 -0.50
CA MET A 216 -11.93 -4.86 0.02
C MET A 216 -12.08 -4.42 1.48
N GLU A 217 -11.01 -4.60 2.28
CA GLU A 217 -11.04 -4.21 3.69
C GLU A 217 -11.34 -2.72 3.82
N ALA A 218 -10.83 -1.96 2.88
CA ALA A 218 -11.05 -0.52 2.89
C ALA A 218 -12.53 -0.25 2.67
N ILE A 219 -13.10 -0.95 1.69
CA ILE A 219 -14.53 -0.80 1.40
C ILE A 219 -15.36 -1.18 2.62
N ARG A 220 -14.99 -2.27 3.28
CA ARG A 220 -15.71 -2.72 4.45
C ARG A 220 -15.63 -1.75 5.64
N LEU A 221 -14.47 -1.14 5.83
CA LEU A 221 -14.31 -0.18 6.92
C LEU A 221 -15.27 0.99 6.66
N TYR A 222 -15.37 1.37 5.39
CA TYR A 222 -16.26 2.44 4.98
C TYR A 222 -17.74 2.08 5.10
N GLU A 223 -18.13 0.90 4.60
CA GLU A 223 -19.54 0.48 4.66
C GLU A 223 -19.99 0.37 6.11
N ARG A 224 -19.05 -0.01 6.96
CA ARG A 224 -19.28 -0.17 8.38
C ARG A 224 -19.43 1.23 8.98
N GLY A 225 -19.14 2.24 8.17
CA GLY A 225 -19.26 3.62 8.61
C GLY A 225 -18.20 4.15 9.57
N ASP A 226 -17.12 3.40 9.77
CA ASP A 226 -16.06 3.81 10.68
C ASP A 226 -15.31 5.07 10.25
N ALA A 227 -15.30 5.35 8.95
CA ALA A 227 -14.61 6.54 8.42
C ALA A 227 -15.03 6.80 6.99
N SER A 228 -14.91 8.03 6.53
CA SER A 228 -15.29 8.38 5.16
C SER A 228 -14.28 7.87 4.13
N LYS A 229 -14.72 7.76 2.87
CA LYS A 229 -13.85 7.31 1.78
C LYS A 229 -12.70 8.31 1.68
N GLU A 230 -13.05 9.59 1.65
CA GLU A 230 -12.07 10.66 1.55
C GLU A 230 -10.99 10.53 2.62
N ASP A 231 -11.40 10.40 3.88
CA ASP A 231 -10.44 10.25 4.98
C ASP A 231 -9.57 9.02 4.88
N ILE A 232 -10.17 7.90 4.47
CA ILE A 232 -9.40 6.67 4.33
C ILE A 232 -8.32 6.86 3.26
N ASP A 233 -8.68 7.50 2.16
CA ASP A 233 -7.73 7.74 1.07
C ASP A 233 -6.60 8.63 1.60
N THR A 234 -6.97 9.71 2.28
CA THR A 234 -5.99 10.63 2.85
C THR A 234 -5.08 9.85 3.80
N ALA A 235 -5.69 9.07 4.67
CA ALA A 235 -4.96 8.29 5.65
C ALA A 235 -3.92 7.34 5.04
N MET A 236 -4.28 6.63 3.97
CA MET A 236 -3.31 5.71 3.36
C MET A 236 -2.23 6.41 2.54
N LYS A 237 -2.58 7.52 1.92
CA LYS A 237 -1.58 8.24 1.15
C LYS A 237 -0.56 8.88 2.10
N LEU A 238 -1.04 9.63 3.09
CA LEU A 238 -0.14 10.29 4.03
C LEU A 238 0.46 9.36 5.08
N GLY A 239 -0.33 8.41 5.55
CA GLY A 239 0.19 7.50 6.56
C GLY A 239 0.95 6.29 6.07
N ALA A 240 0.58 5.77 4.89
CA ALA A 240 1.25 4.59 4.35
C ALA A 240 2.14 4.94 3.18
N GLY A 241 2.01 6.17 2.68
CA GLY A 241 2.83 6.60 1.56
C GLY A 241 2.35 6.13 0.19
N TYR A 242 1.13 5.62 0.12
CA TYR A 242 0.60 5.13 -1.15
C TYR A 242 0.29 6.25 -2.14
N PRO A 243 0.53 6.01 -3.44
CA PRO A 243 0.26 7.01 -4.49
C PRO A 243 -1.24 7.32 -4.54
N MET A 244 -2.04 6.30 -4.31
CA MET A 244 -3.47 6.47 -4.34
C MET A 244 -4.17 5.88 -3.13
N GLY A 245 -5.18 6.60 -2.64
CA GLY A 245 -5.96 6.09 -1.53
C GLY A 245 -6.67 4.88 -2.13
N PRO A 246 -7.14 3.91 -1.33
CA PRO A 246 -7.82 2.73 -1.85
C PRO A 246 -9.07 2.95 -2.72
N PHE A 247 -9.88 3.94 -2.42
CA PHE A 247 -11.07 4.19 -3.24
C PHE A 247 -10.66 4.78 -4.57
N GLU A 248 -9.62 5.61 -4.53
N GLU A 248 -9.61 5.60 -4.58
CA GLU A 248 -9.08 6.23 -5.74
CA GLU A 248 -9.13 6.18 -5.83
C GLU A 248 -8.51 5.14 -6.65
C GLU A 248 -8.54 5.09 -6.71
N LEU A 249 -7.82 4.18 -6.07
CA LEU A 249 -7.20 3.09 -6.81
C LEU A 249 -8.28 2.13 -7.34
N LEU A 250 -9.31 1.85 -6.52
CA LEU A 250 -10.43 1.00 -6.93
C LEU A 250 -11.03 1.57 -8.22
N ASP A 251 -11.37 2.84 -8.21
CA ASP A 251 -11.91 3.48 -9.40
C ASP A 251 -10.93 3.41 -10.56
N TYR A 252 -9.64 3.37 -10.24
CA TYR A 252 -8.59 3.33 -11.26
C TYR A 252 -8.40 1.96 -11.92
N VAL A 253 -8.40 0.90 -11.11
CA VAL A 253 -8.23 -0.43 -11.66
C VAL A 253 -9.55 -0.96 -12.23
N GLY A 254 -10.66 -0.44 -11.73
CA GLY A 254 -11.97 -0.85 -12.22
C GLY A 254 -12.75 -1.65 -11.19
N LEU A 255 -13.92 -1.15 -10.81
CA LEU A 255 -14.74 -1.83 -9.81
C LEU A 255 -15.28 -3.16 -10.35
N ASP A 256 -15.54 -3.22 -11.65
CA ASP A 256 -16.05 -4.45 -12.24
C ASP A 256 -14.90 -5.45 -12.26
N THR A 257 -13.74 -5.00 -12.71
CA THR A 257 -12.55 -5.84 -12.74
C THR A 257 -12.30 -6.44 -11.35
N THR A 258 -12.40 -5.60 -10.33
CA THR A 258 -12.17 -6.01 -8.93
C THR A 258 -13.21 -7.00 -8.42
N LYS A 259 -14.48 -6.68 -8.64
CA LYS A 259 -15.56 -7.54 -8.20
C LYS A 259 -15.42 -8.92 -8.83
N PHE A 260 -15.07 -8.95 -10.11
CA PHE A 260 -14.93 -10.21 -10.83
C PHE A 260 -13.89 -11.09 -10.15
N ILE A 261 -12.75 -10.51 -9.80
CA ILE A 261 -11.69 -11.27 -9.14
C ILE A 261 -12.11 -11.80 -7.78
N VAL A 262 -12.77 -10.96 -7.01
CA VAL A 262 -13.21 -11.37 -5.68
C VAL A 262 -14.33 -12.41 -5.72
N ASP A 263 -15.22 -12.28 -6.70
CA ASP A 263 -16.30 -13.27 -6.84
C ASP A 263 -15.67 -14.63 -7.03
N GLY A 264 -14.66 -14.68 -7.89
CA GLY A 264 -13.95 -15.93 -8.13
C GLY A 264 -13.43 -16.53 -6.84
N TRP A 265 -12.70 -15.73 -6.06
CA TRP A 265 -12.15 -16.22 -4.81
C TRP A 265 -13.30 -16.63 -3.90
N HIS A 266 -14.34 -15.81 -3.83
CA HIS A 266 -15.48 -16.15 -2.98
C HIS A 266 -16.09 -17.48 -3.39
N GLU A 267 -16.28 -17.67 -4.69
CA GLU A 267 -16.85 -18.88 -5.23
C GLU A 267 -16.07 -20.09 -4.74
N MET A 268 -14.75 -20.04 -4.89
CA MET A 268 -13.90 -21.15 -4.48
C MET A 268 -13.86 -21.41 -2.99
N ASP A 269 -14.15 -20.41 -2.17
CA ASP A 269 -14.11 -20.57 -0.73
C ASP A 269 -15.06 -19.59 -0.05
N ALA A 270 -16.35 -19.76 -0.33
CA ALA A 270 -17.41 -18.91 0.19
C ALA A 270 -17.40 -18.73 1.70
N GLU A 271 -16.83 -19.70 2.41
CA GLU A 271 -16.76 -19.64 3.86
C GLU A 271 -15.71 -18.64 4.31
N ASN A 272 -14.77 -18.33 3.43
CA ASN A 272 -13.70 -17.39 3.75
C ASN A 272 -14.24 -15.97 3.85
N PRO A 273 -14.13 -15.35 5.03
CA PRO A 273 -14.60 -13.98 5.27
C PRO A 273 -13.95 -12.94 4.37
N LEU A 274 -12.66 -13.14 4.07
CA LEU A 274 -11.90 -12.22 3.22
C LEU A 274 -12.49 -11.99 1.84
N HIS A 275 -13.27 -12.94 1.36
CA HIS A 275 -13.85 -12.81 0.04
C HIS A 275 -15.34 -12.51 0.05
N GLN A 276 -15.88 -12.18 1.23
CA GLN A 276 -17.29 -11.86 1.30
C GLN A 276 -17.55 -10.68 0.39
N PRO A 277 -18.65 -10.74 -0.37
CA PRO A 277 -19.00 -9.66 -1.30
C PRO A 277 -19.29 -8.36 -0.58
N SER A 278 -19.19 -7.27 -1.32
CA SER A 278 -19.43 -5.94 -0.79
C SER A 278 -20.69 -5.38 -1.42
N PRO A 279 -21.67 -4.99 -0.59
CA PRO A 279 -22.92 -4.43 -1.12
C PRO A 279 -22.64 -3.17 -1.94
N SER A 280 -21.89 -2.23 -1.35
CA SER A 280 -21.55 -1.00 -2.04
C SER A 280 -20.87 -1.29 -3.36
N LEU A 281 -19.91 -2.21 -3.33
CA LEU A 281 -19.21 -2.55 -4.56
C LEU A 281 -20.20 -3.12 -5.58
N ASN A 282 -20.99 -4.12 -5.17
CA ASN A 282 -21.96 -4.71 -6.09
C ASN A 282 -22.93 -3.67 -6.66
N LYS A 283 -23.40 -2.78 -5.80
CA LYS A 283 -24.34 -1.74 -6.22
C LYS A 283 -23.77 -0.86 -7.31
N LEU A 284 -22.57 -0.32 -7.10
CA LEU A 284 -21.94 0.51 -8.10
C LEU A 284 -21.79 -0.23 -9.42
N VAL A 285 -21.37 -1.49 -9.34
CA VAL A 285 -21.18 -2.31 -10.53
C VAL A 285 -22.51 -2.57 -11.22
N ALA A 286 -23.56 -2.80 -10.41
CA ALA A 286 -24.89 -3.03 -10.96
C ALA A 286 -25.31 -1.77 -11.69
N GLU A 287 -25.08 -0.61 -11.05
CA GLU A 287 -25.44 0.67 -11.63
C GLU A 287 -24.48 1.04 -12.75
N ASN A 288 -23.65 0.08 -13.14
CA ASN A 288 -22.71 0.28 -14.23
C ASN A 288 -21.65 1.36 -13.94
N LYS A 289 -21.50 1.72 -12.67
CA LYS A 289 -20.51 2.72 -12.26
C LYS A 289 -19.19 1.96 -12.04
N PHE A 290 -18.45 1.74 -13.11
CA PHE A 290 -17.20 0.98 -13.05
C PHE A 290 -15.93 1.73 -12.62
N GLY A 291 -16.05 3.03 -12.35
CA GLY A 291 -14.88 3.80 -11.96
C GLY A 291 -14.47 4.79 -13.03
N LYS A 292 -13.17 5.06 -13.15
CA LYS A 292 -12.69 6.01 -14.15
C LYS A 292 -13.03 5.61 -15.59
N LYS A 293 -13.38 4.35 -15.79
CA LYS A 293 -13.75 3.86 -17.12
C LYS A 293 -15.00 4.56 -17.64
N THR A 294 -15.99 4.66 -16.76
CA THR A 294 -17.28 5.24 -17.08
C THR A 294 -17.51 6.62 -16.47
N GLY A 295 -16.43 7.27 -16.05
CA GLY A 295 -16.55 8.58 -15.46
C GLY A 295 -17.13 8.61 -14.07
N GLU A 296 -17.23 7.43 -13.45
CA GLU A 296 -17.76 7.33 -12.09
C GLU A 296 -17.66 5.94 -11.48
N GLY A 297 -17.12 5.88 -10.26
CA GLY A 297 -16.98 4.64 -9.51
C GLY A 297 -17.44 5.03 -8.12
N PHE A 298 -16.54 5.04 -7.14
CA PHE A 298 -16.93 5.49 -5.80
C PHE A 298 -16.92 7.01 -5.85
N TYR A 299 -16.16 7.55 -6.79
CA TYR A 299 -16.04 8.99 -6.98
C TYR A 299 -16.55 9.32 -8.37
N LYS A 300 -16.97 10.57 -8.56
CA LYS A 300 -17.45 11.01 -9.86
C LYS A 300 -16.29 11.72 -10.55
N TYR A 301 -16.09 11.41 -11.83
CA TYR A 301 -15.01 12.03 -12.58
C TYR A 301 -15.52 12.85 -13.75
N LYS A 302 -14.75 13.87 -14.12
CA LYS A 302 -15.11 14.74 -15.22
C LYS A 302 -15.13 13.97 -16.53
N HIS A 303 -16.33 13.65 -17.01
CA HIS A 303 -16.47 12.91 -18.27
C HIS A 303 -15.62 13.67 -19.28
N HIS A 304 -14.39 13.20 -19.49
CA HIS A 304 -13.45 13.84 -20.40
C HIS A 304 -14.09 14.33 -21.70
N LYS B 12 -14.37 28.79 21.51
CA LYS B 12 -13.91 27.37 21.64
C LYS B 12 -12.72 27.21 22.56
N ILE B 13 -12.29 25.96 22.68
CA ILE B 13 -11.14 25.56 23.50
C ILE B 13 -9.89 25.63 22.60
N ILE B 14 -9.04 26.63 22.78
CA ILE B 14 -7.84 26.69 21.94
C ILE B 14 -6.62 26.16 22.69
N VAL B 15 -6.18 24.96 22.33
CA VAL B 15 -5.03 24.36 22.97
C VAL B 15 -3.76 25.19 22.83
N LYS B 16 -3.13 25.52 23.94
CA LYS B 16 -1.90 26.30 23.91
C LYS B 16 -0.84 25.69 24.81
N HIS B 17 -1.30 25.15 25.94
CA HIS B 17 -0.40 24.51 26.89
C HIS B 17 -0.65 23.02 26.78
N VAL B 18 0.40 22.27 26.43
CA VAL B 18 0.27 20.84 26.23
C VAL B 18 1.16 19.99 27.10
N THR B 19 0.58 18.90 27.60
CA THR B 19 1.31 17.98 28.43
C THR B 19 1.47 16.69 27.64
N VAL B 20 2.73 16.31 27.43
CA VAL B 20 3.04 15.09 26.69
C VAL B 20 3.63 14.13 27.69
N ILE B 21 2.95 13.02 27.92
CA ILE B 21 3.44 12.04 28.86
C ILE B 21 4.06 10.89 28.08
N GLY B 22 5.36 10.70 28.30
CA GLY B 22 6.10 9.68 27.59
C GLY B 22 7.05 10.38 26.63
N GLY B 23 8.34 10.33 26.91
CA GLY B 23 9.30 10.98 26.04
C GLY B 23 10.07 10.04 25.13
N GLY B 24 9.43 8.96 24.71
CA GLY B 24 10.08 8.00 23.83
C GLY B 24 10.01 8.40 22.37
N LEU B 25 10.05 7.40 21.50
CA LEU B 25 9.99 7.62 20.07
C LEU B 25 8.88 8.58 19.69
N MET B 26 7.65 8.19 19.98
CA MET B 26 6.50 9.03 19.64
C MET B 26 6.40 10.29 20.50
N GLY B 27 6.51 10.12 21.81
CA GLY B 27 6.42 11.23 22.74
C GLY B 27 7.32 12.41 22.41
N ALA B 28 8.61 12.14 22.24
CA ALA B 28 9.56 13.20 21.91
C ALA B 28 9.16 13.94 20.64
N GLY B 29 8.73 13.19 19.63
CA GLY B 29 8.33 13.79 18.38
C GLY B 29 7.14 14.70 18.52
N ILE B 30 6.15 14.24 19.30
CA ILE B 30 4.96 15.06 19.50
C ILE B 30 5.39 16.33 20.22
N ALA B 31 6.24 16.18 21.24
CA ALA B 31 6.73 17.33 22.00
C ALA B 31 7.40 18.33 21.06
N GLN B 32 8.30 17.83 20.23
CA GLN B 32 9.01 18.69 19.29
C GLN B 32 8.09 19.48 18.36
N VAL B 33 7.19 18.80 17.65
CA VAL B 33 6.29 19.48 16.72
C VAL B 33 5.39 20.48 17.44
N ALA B 34 4.91 20.12 18.62
CA ALA B 34 4.05 21.04 19.38
C ALA B 34 4.84 22.32 19.69
N ALA B 35 6.05 22.14 20.19
CA ALA B 35 6.90 23.27 20.56
C ALA B 35 7.31 24.09 19.33
N ALA B 36 7.61 23.39 18.24
CA ALA B 36 8.03 24.04 17.01
C ALA B 36 6.91 24.90 16.46
N THR B 37 5.66 24.57 16.79
CA THR B 37 4.53 25.32 16.27
C THR B 37 3.91 26.32 17.24
N GLY B 38 4.69 26.74 18.23
CA GLY B 38 4.19 27.75 19.14
C GLY B 38 3.40 27.32 20.35
N HIS B 39 3.41 26.04 20.72
CA HIS B 39 2.69 25.60 21.91
C HIS B 39 3.65 25.49 23.09
N THR B 40 3.14 25.68 24.30
CA THR B 40 3.97 25.54 25.47
C THR B 40 3.86 24.08 25.79
N VAL B 41 4.99 23.45 26.03
CA VAL B 41 5.00 22.02 26.27
C VAL B 41 5.74 21.57 27.52
N VAL B 42 5.17 20.60 28.20
CA VAL B 42 5.80 20.01 29.36
C VAL B 42 5.87 18.52 29.05
N LEU B 43 7.09 18.00 29.02
CA LEU B 43 7.33 16.60 28.72
C LEU B 43 7.53 15.80 30.00
N VAL B 44 6.75 14.73 30.15
CA VAL B 44 6.82 13.89 31.34
C VAL B 44 7.32 12.47 31.05
N ASP B 45 8.09 11.90 31.97
CA ASP B 45 8.54 10.53 31.82
C ASP B 45 8.92 10.02 33.21
N GLN B 46 9.52 8.84 33.30
CA GLN B 46 9.81 8.27 34.60
C GLN B 46 11.10 8.68 35.31
N THR B 47 12.11 9.05 34.56
CA THR B 47 13.37 9.44 35.19
C THR B 47 13.98 10.64 34.50
N GLU B 48 14.85 11.36 35.23
CA GLU B 48 15.51 12.53 34.69
C GLU B 48 16.43 12.09 33.54
N ASP B 49 17.13 10.98 33.74
CA ASP B 49 18.03 10.47 32.70
C ASP B 49 17.28 10.24 31.40
N ILE B 50 16.12 9.60 31.50
CA ILE B 50 15.32 9.38 30.31
C ILE B 50 14.96 10.72 29.70
N LEU B 51 14.40 11.62 30.51
CA LEU B 51 14.01 12.94 30.04
C LEU B 51 15.19 13.67 29.43
N ALA B 52 16.33 13.60 30.10
CA ALA B 52 17.52 14.28 29.63
C ALA B 52 17.89 13.82 28.22
N LYS B 53 17.79 12.52 27.98
CA LYS B 53 18.12 11.98 26.68
C LYS B 53 17.05 12.30 25.66
N SER B 54 15.81 12.37 26.11
CA SER B 54 14.72 12.67 25.21
C SER B 54 14.85 14.08 24.69
N LYS B 55 15.15 15.01 25.59
CA LYS B 55 15.29 16.40 25.17
C LYS B 55 16.52 16.58 24.29
N LYS B 56 17.52 15.74 24.50
CA LYS B 56 18.73 15.83 23.71
C LYS B 56 18.44 15.39 22.27
N GLY B 57 17.67 14.30 22.16
CA GLY B 57 17.30 13.81 20.84
C GLY B 57 16.52 14.87 20.10
N ILE B 58 15.67 15.59 20.81
CA ILE B 58 14.88 16.64 20.20
C ILE B 58 15.77 17.77 19.66
N GLU B 59 16.72 18.20 20.48
CA GLU B 59 17.63 19.25 20.08
C GLU B 59 18.37 18.84 18.82
N GLU B 60 18.88 17.60 18.82
CA GLU B 60 19.62 17.09 17.66
C GLU B 60 18.76 17.13 16.40
N SER B 61 17.54 16.63 16.50
CA SER B 61 16.64 16.64 15.36
C SER B 61 16.35 18.05 14.87
N LEU B 62 16.16 18.98 15.81
CA LEU B 62 15.88 20.36 15.43
C LEU B 62 17.11 20.97 14.75
N ARG B 63 18.28 20.73 15.31
CA ARG B 63 19.50 21.27 14.72
C ARG B 63 19.74 20.72 13.33
N LYS B 64 19.58 19.41 13.17
CA LYS B 64 19.79 18.77 11.87
C LYS B 64 18.99 19.52 10.83
N VAL B 65 17.79 19.98 11.20
CA VAL B 65 16.93 20.71 10.28
C VAL B 65 17.44 22.13 10.05
N ALA B 66 17.62 22.87 11.15
CA ALA B 66 18.08 24.26 11.08
C ALA B 66 19.31 24.43 10.20
N LYS B 67 20.28 23.54 10.34
CA LYS B 67 21.53 23.60 9.57
C LYS B 67 21.30 23.67 8.06
N LYS B 68 20.21 23.06 7.59
CA LYS B 68 19.88 23.06 6.18
C LYS B 68 19.01 24.26 5.82
N LYS B 69 17.99 24.51 6.63
CA LYS B 69 17.08 25.62 6.37
C LYS B 69 17.66 27.00 6.65
N PHE B 70 18.57 27.12 7.61
CA PHE B 70 19.17 28.41 7.93
C PHE B 70 20.63 28.51 7.52
N ALA B 71 21.01 27.77 6.49
CA ALA B 71 22.38 27.78 6.01
C ALA B 71 22.88 29.20 5.77
N GLU B 72 22.06 30.03 5.14
CA GLU B 72 22.46 31.41 4.86
C GLU B 72 22.55 32.35 6.06
N ASN B 73 21.96 31.95 7.19
CA ASN B 73 22.00 32.78 8.38
C ASN B 73 21.91 31.87 9.60
N PRO B 74 23.04 31.28 9.99
CA PRO B 74 23.16 30.38 11.12
C PRO B 74 22.66 30.96 12.45
N LYS B 75 22.91 32.25 12.67
CA LYS B 75 22.46 32.89 13.91
C LYS B 75 20.97 32.62 14.10
N ALA B 76 20.17 33.04 13.12
CA ALA B 76 18.73 32.84 13.17
C ALA B 76 18.43 31.36 13.41
N GLY B 77 19.14 30.51 12.69
CA GLY B 77 18.95 29.08 12.85
C GLY B 77 19.10 28.63 14.28
N ASP B 78 20.17 29.05 14.94
CA ASP B 78 20.39 28.67 16.32
C ASP B 78 19.33 29.25 17.24
N GLU B 79 18.82 30.44 16.91
CA GLU B 79 17.79 31.05 17.72
C GLU B 79 16.50 30.26 17.60
N PHE B 80 16.17 29.85 16.38
CA PHE B 80 14.96 29.07 16.14
C PHE B 80 14.99 27.83 17.02
N VAL B 81 16.15 27.17 17.05
CA VAL B 81 16.32 25.97 17.86
C VAL B 81 16.21 26.33 19.35
N GLU B 82 16.88 27.41 19.75
CA GLU B 82 16.86 27.84 21.14
C GLU B 82 15.43 28.08 21.61
N LYS B 83 14.70 28.89 20.85
CA LYS B 83 13.32 29.21 21.17
C LYS B 83 12.49 27.95 21.39
N THR B 84 12.59 27.05 20.43
CA THR B 84 11.85 25.80 20.49
C THR B 84 12.21 24.95 21.70
N LEU B 85 13.50 24.75 21.97
CA LEU B 85 13.89 23.96 23.13
C LEU B 85 13.44 24.62 24.43
N SER B 86 13.53 25.95 24.51
CA SER B 86 13.15 26.65 25.74
C SER B 86 11.65 26.61 25.99
N THR B 87 10.89 26.13 25.01
CA THR B 87 9.45 26.05 25.15
C THR B 87 9.05 24.64 25.54
N ILE B 88 10.05 23.85 25.92
CA ILE B 88 9.78 22.50 26.35
C ILE B 88 10.30 22.31 27.77
N ALA B 89 9.39 22.04 28.70
CA ALA B 89 9.78 21.81 30.08
C ALA B 89 9.74 20.30 30.29
N THR B 90 10.35 19.83 31.38
CA THR B 90 10.35 18.41 31.66
C THR B 90 9.94 18.18 33.12
N SER B 91 9.33 17.03 33.38
CA SER B 91 8.91 16.71 34.74
C SER B 91 8.77 15.19 34.89
N THR B 92 9.01 14.70 36.10
CA THR B 92 8.88 13.28 36.37
C THR B 92 7.55 13.05 37.11
N ASP B 93 6.82 14.13 37.36
CA ASP B 93 5.54 14.06 38.07
C ASP B 93 4.36 14.68 37.30
N ALA B 94 3.69 13.85 36.50
CA ALA B 94 2.56 14.28 35.68
C ALA B 94 1.50 15.07 36.45
N ALA B 95 1.13 14.57 37.62
CA ALA B 95 0.12 15.21 38.45
C ALA B 95 0.39 16.69 38.75
N SER B 96 1.65 17.03 39.00
CA SER B 96 2.02 18.40 39.33
C SER B 96 1.98 19.34 38.12
N VAL B 97 1.82 18.76 36.94
CA VAL B 97 1.85 19.56 35.72
C VAL B 97 0.50 19.82 35.07
N VAL B 98 -0.42 18.87 35.23
CA VAL B 98 -1.72 18.97 34.59
C VAL B 98 -2.79 19.86 35.22
N HIS B 99 -2.46 20.51 36.34
N HIS B 99 -2.46 20.50 36.35
CA HIS B 99 -3.40 21.38 37.05
CA HIS B 99 -3.41 21.37 37.04
C HIS B 99 -4.03 22.44 36.16
C HIS B 99 -4.03 22.43 36.16
N SER B 100 -3.28 22.93 35.19
CA SER B 100 -3.83 23.96 34.30
C SER B 100 -3.47 23.78 32.83
N THR B 101 -3.10 22.56 32.45
CA THR B 101 -2.76 22.29 31.05
C THR B 101 -4.04 22.18 30.23
N ASP B 102 -3.95 22.52 28.94
CA ASP B 102 -5.08 22.46 28.03
C ASP B 102 -5.28 21.08 27.43
N LEU B 103 -4.18 20.35 27.29
CA LEU B 103 -4.25 19.03 26.67
C LEU B 103 -3.18 18.11 27.17
N VAL B 104 -3.57 16.86 27.38
CA VAL B 104 -2.63 15.85 27.79
C VAL B 104 -2.60 14.86 26.64
N VAL B 105 -1.42 14.62 26.08
CA VAL B 105 -1.30 13.63 25.02
C VAL B 105 -0.43 12.57 25.67
N GLU B 106 -0.92 11.34 25.69
CA GLU B 106 -0.19 10.25 26.31
C GLU B 106 0.43 9.31 25.29
N ALA B 107 1.68 8.95 25.52
CA ALA B 107 2.41 8.05 24.64
C ALA B 107 3.35 7.21 25.48
N ILE B 108 2.80 6.46 26.43
CA ILE B 108 3.62 5.61 27.27
C ILE B 108 3.53 4.16 26.83
N VAL B 109 4.11 3.26 27.63
CA VAL B 109 4.09 1.83 27.34
C VAL B 109 2.68 1.37 26.99
N GLU B 110 2.58 0.56 25.93
CA GLU B 110 1.31 0.04 25.44
C GLU B 110 0.66 -0.97 26.40
N ASN B 111 0.50 -0.58 27.66
CA ASN B 111 -0.11 -1.44 28.68
C ASN B 111 -1.38 -0.75 29.17
N LEU B 112 -2.52 -1.40 28.94
CA LEU B 112 -3.81 -0.82 29.31
C LEU B 112 -3.92 -0.50 30.80
N LYS B 113 -3.48 -1.42 31.65
CA LYS B 113 -3.54 -1.18 33.09
C LYS B 113 -2.82 0.11 33.45
N VAL B 114 -1.55 0.17 33.09
CA VAL B 114 -0.72 1.35 33.36
C VAL B 114 -1.37 2.61 32.82
N LYS B 115 -1.84 2.58 31.58
CA LYS B 115 -2.50 3.75 31.02
C LYS B 115 -3.68 4.17 31.90
N ASN B 116 -4.59 3.23 32.16
CA ASN B 116 -5.75 3.54 32.98
C ASN B 116 -5.38 4.13 34.32
N GLU B 117 -4.48 3.47 35.04
CA GLU B 117 -4.08 4.00 36.33
C GLU B 117 -3.64 5.44 36.14
N LEU B 118 -2.81 5.65 35.10
CA LEU B 118 -2.30 6.98 34.80
C LEU B 118 -3.43 7.98 34.62
N PHE B 119 -4.31 7.73 33.65
CA PHE B 119 -5.40 8.67 33.43
C PHE B 119 -6.38 8.80 34.59
N LYS B 120 -6.69 7.70 35.27
CA LYS B 120 -7.61 7.74 36.41
C LYS B 120 -7.05 8.71 37.46
N ARG B 121 -5.74 8.63 37.69
CA ARG B 121 -5.08 9.48 38.65
C ARG B 121 -5.09 10.94 38.16
N LEU B 122 -4.68 11.17 36.92
CA LEU B 122 -4.63 12.51 36.34
C LEU B 122 -5.99 13.20 36.22
N ASP B 123 -7.04 12.40 36.08
CA ASP B 123 -8.38 12.97 35.95
C ASP B 123 -8.72 13.84 37.17
N LYS B 124 -8.18 13.43 38.31
CA LYS B 124 -8.40 14.13 39.57
C LYS B 124 -7.57 15.41 39.69
N ARG B 125 -6.54 15.56 38.86
CA ARG B 125 -5.67 16.75 38.91
C ARG B 125 -5.90 17.79 37.82
N ALA B 126 -6.20 17.31 36.62
CA ALA B 126 -6.39 18.22 35.49
C ALA B 126 -7.53 19.21 35.66
N ALA B 127 -7.32 20.41 35.13
CA ALA B 127 -8.34 21.45 35.19
C ALA B 127 -9.58 20.92 34.51
N GLU B 128 -10.68 21.66 34.65
CA GLU B 128 -11.96 21.25 34.08
C GLU B 128 -11.95 21.13 32.55
N HIS B 129 -11.45 22.17 31.88
CA HIS B 129 -11.41 22.22 30.43
C HIS B 129 -10.40 21.26 29.78
N THR B 130 -9.46 20.74 30.57
CA THR B 130 -8.43 19.86 30.05
C THR B 130 -8.93 18.65 29.25
N ILE B 131 -8.37 18.47 28.06
CA ILE B 131 -8.73 17.35 27.19
C ILE B 131 -7.65 16.27 27.34
N PHE B 132 -8.07 15.01 27.40
CA PHE B 132 -7.15 13.87 27.54
C PHE B 132 -7.12 13.09 26.22
N ALA B 133 -5.93 12.70 25.78
CA ALA B 133 -5.82 11.94 24.54
C ALA B 133 -4.73 10.88 24.57
N SER B 134 -5.01 9.75 23.92
CA SER B 134 -4.05 8.66 23.86
C SER B 134 -3.52 8.50 22.45
N ASN B 135 -2.26 8.12 22.35
CA ASN B 135 -1.60 7.91 21.08
C ASN B 135 -1.50 6.41 20.85
N THR B 136 -2.13 5.64 21.75
CA THR B 136 -2.12 4.19 21.68
C THR B 136 -2.56 3.71 20.30
N SER B 137 -1.96 2.62 19.84
CA SER B 137 -2.32 2.08 18.53
C SER B 137 -3.29 0.92 18.66
N SER B 138 -2.94 -0.07 19.48
CA SER B 138 -3.79 -1.24 19.66
C SER B 138 -4.56 -1.31 20.98
N LEU B 139 -5.29 -0.24 21.31
CA LEU B 139 -6.08 -0.24 22.54
C LEU B 139 -7.38 0.52 22.30
N GLN B 140 -8.43 0.12 22.99
CA GLN B 140 -9.73 0.77 22.85
C GLN B 140 -9.77 2.07 23.61
N ILE B 141 -9.79 3.18 22.87
CA ILE B 141 -9.84 4.50 23.50
C ILE B 141 -10.90 4.49 24.59
N THR B 142 -11.97 3.75 24.36
CA THR B 142 -13.05 3.67 25.33
C THR B 142 -12.59 2.97 26.61
N SER B 143 -11.83 1.89 26.46
CA SER B 143 -11.34 1.16 27.62
C SER B 143 -10.38 2.01 28.45
N ILE B 144 -10.24 3.28 28.11
CA ILE B 144 -9.35 4.15 28.86
C ILE B 144 -10.11 5.37 29.33
N ALA B 145 -10.98 5.88 28.47
CA ALA B 145 -11.78 7.04 28.82
C ALA B 145 -12.67 6.70 30.01
N ASN B 146 -13.17 5.47 30.06
CA ASN B 146 -14.03 5.08 31.17
C ASN B 146 -13.27 4.98 32.48
N ALA B 147 -11.94 4.98 32.41
CA ALA B 147 -11.14 4.90 33.62
C ALA B 147 -11.20 6.26 34.31
N THR B 148 -11.90 7.21 33.69
CA THR B 148 -12.03 8.55 34.22
C THR B 148 -13.49 8.96 34.14
N THR B 149 -13.79 10.20 34.53
CA THR B 149 -15.15 10.71 34.48
C THR B 149 -15.13 11.91 33.56
N ARG B 150 -14.11 11.93 32.71
CA ARG B 150 -13.89 13.02 31.77
C ARG B 150 -14.15 12.54 30.33
N GLN B 151 -14.88 11.41 30.20
CA GLN B 151 -15.18 10.83 28.89
C GLN B 151 -15.56 11.78 27.77
N ASP B 152 -16.19 12.90 28.10
CA ASP B 152 -16.57 13.86 27.06
C ASP B 152 -15.35 14.60 26.53
N ARG B 153 -14.30 14.66 27.35
CA ARG B 153 -13.06 15.33 26.96
C ARG B 153 -11.93 14.33 26.72
N PHE B 154 -12.29 13.10 26.38
CA PHE B 154 -11.29 12.09 26.14
C PHE B 154 -11.39 11.61 24.68
N ALA B 155 -10.26 11.52 24.01
CA ALA B 155 -10.25 11.07 22.63
C ALA B 155 -8.93 10.39 22.33
N GLY B 156 -8.80 9.91 21.11
CA GLY B 156 -7.56 9.28 20.71
C GLY B 156 -6.94 10.27 19.73
N LEU B 157 -5.63 10.39 19.74
CA LEU B 157 -4.92 11.30 18.83
C LEU B 157 -3.70 10.46 18.47
N HIS B 158 -3.82 9.71 17.38
CA HIS B 158 -2.79 8.79 16.94
C HIS B 158 -1.86 9.37 15.87
N PHE B 159 -0.58 9.53 16.23
CA PHE B 159 0.44 10.09 15.33
C PHE B 159 1.29 9.00 14.67
N PHE B 160 2.07 9.37 13.66
CA PHE B 160 2.92 8.39 12.98
C PHE B 160 4.40 8.75 12.96
N ASN B 161 5.24 7.74 13.15
CA ASN B 161 6.68 7.91 13.18
C ASN B 161 7.30 8.09 11.80
N PRO B 162 8.18 9.09 11.64
CA PRO B 162 8.66 10.09 12.61
C PRO B 162 7.63 11.19 12.73
N VAL B 163 7.20 11.49 13.96
CA VAL B 163 6.18 12.52 14.15
C VAL B 163 6.47 13.84 13.46
N PRO B 164 7.70 14.36 13.55
CA PRO B 164 7.92 15.63 12.85
C PRO B 164 7.87 15.56 11.30
N VAL B 165 7.89 14.34 10.74
CA VAL B 165 7.86 14.16 9.29
C VAL B 165 6.43 13.81 8.83
N MET B 166 5.88 12.76 9.41
CA MET B 166 4.54 12.30 9.06
C MET B 166 3.48 13.36 9.36
N LYS B 167 2.82 13.85 8.31
CA LYS B 167 1.81 14.88 8.46
C LYS B 167 0.40 14.42 8.85
N LEU B 168 0.17 13.11 8.83
CA LEU B 168 -1.15 12.58 9.15
C LEU B 168 -1.41 12.41 10.64
N VAL B 169 -2.64 12.68 11.05
CA VAL B 169 -3.01 12.45 12.44
C VAL B 169 -4.44 11.92 12.48
N GLU B 170 -4.62 10.77 13.12
CA GLU B 170 -5.93 10.16 13.25
C GLU B 170 -6.59 10.63 14.54
N VAL B 171 -7.67 11.40 14.43
CA VAL B 171 -8.40 11.90 15.60
C VAL B 171 -9.50 10.88 15.93
N ILE B 172 -9.28 10.06 16.94
CA ILE B 172 -10.25 9.04 17.31
C ILE B 172 -11.27 9.50 18.35
N LYS B 173 -12.52 9.57 17.90
CA LYS B 173 -13.65 10.00 18.73
C LYS B 173 -14.48 8.80 19.20
N THR B 174 -14.84 8.76 20.48
CA THR B 174 -15.67 7.65 20.99
C THR B 174 -17.10 8.15 21.08
N PRO B 175 -18.07 7.25 21.31
CA PRO B 175 -19.48 7.67 21.41
C PRO B 175 -19.70 8.76 22.45
N MET B 176 -18.89 8.71 23.51
CA MET B 176 -18.98 9.69 24.61
C MET B 176 -18.19 10.97 24.35
N THR B 177 -17.29 10.93 23.36
CA THR B 177 -16.48 12.10 23.05
C THR B 177 -17.28 13.28 22.55
N SER B 178 -17.06 14.43 23.17
CA SER B 178 -17.72 15.67 22.81
C SER B 178 -17.35 16.14 21.41
N GLN B 179 -18.26 16.86 20.77
CA GLN B 179 -18.01 17.41 19.45
C GLN B 179 -17.01 18.54 19.67
N LYS B 180 -17.25 19.30 20.75
CA LYS B 180 -16.41 20.42 21.14
C LYS B 180 -14.96 19.93 21.30
N THR B 181 -14.81 18.79 21.94
CA THR B 181 -13.52 18.16 22.16
C THR B 181 -12.90 17.73 20.83
N PHE B 182 -13.75 17.26 19.93
CA PHE B 182 -13.34 16.79 18.60
C PHE B 182 -12.77 17.93 17.78
N GLU B 183 -13.54 19.00 17.67
CA GLU B 183 -13.12 20.15 16.90
C GLU B 183 -11.90 20.82 17.51
N SER B 184 -11.67 20.58 18.79
CA SER B 184 -10.52 21.18 19.44
C SER B 184 -9.27 20.40 19.02
N LEU B 185 -9.40 19.08 18.94
CA LEU B 185 -8.29 18.24 18.55
C LEU B 185 -7.98 18.43 17.08
N VAL B 186 -9.02 18.68 16.28
CA VAL B 186 -8.82 18.91 14.86
C VAL B 186 -8.08 20.23 14.67
N ASP B 187 -8.48 21.26 15.42
CA ASP B 187 -7.84 22.57 15.33
C ASP B 187 -6.38 22.47 15.76
N PHE B 188 -6.12 21.67 16.81
CA PHE B 188 -4.77 21.47 17.32
C PHE B 188 -3.90 20.77 16.29
N SER B 189 -4.47 19.72 15.68
CA SER B 189 -3.78 18.95 14.65
C SER B 189 -3.33 19.88 13.53
N LYS B 190 -4.21 20.75 13.08
CA LYS B 190 -3.86 21.69 12.04
C LYS B 190 -2.80 22.67 12.55
N ALA B 191 -2.90 23.05 13.82
CA ALA B 191 -1.93 23.97 14.42
C ALA B 191 -0.55 23.33 14.41
N LEU B 192 -0.52 22.01 14.53
CA LEU B 192 0.75 21.27 14.50
C LEU B 192 1.27 21.18 13.06
N GLY B 193 0.49 21.72 12.12
CA GLY B 193 0.88 21.65 10.73
C GLY B 193 0.56 20.26 10.16
N LYS B 194 -0.26 19.50 10.88
CA LYS B 194 -0.64 18.16 10.46
C LYS B 194 -1.97 18.17 9.73
N HIS B 195 -2.38 16.99 9.25
CA HIS B 195 -3.63 16.83 8.52
C HIS B 195 -4.44 15.73 9.22
N PRO B 196 -5.45 16.14 10.02
CA PRO B 196 -6.31 15.24 10.77
C PRO B 196 -7.43 14.55 9.97
N VAL B 197 -7.63 13.28 10.25
CA VAL B 197 -8.70 12.52 9.62
C VAL B 197 -9.45 11.94 10.80
N SER B 198 -10.70 11.57 10.59
CA SER B 198 -11.52 11.02 11.67
C SER B 198 -11.86 9.55 11.51
N CYS B 199 -11.89 8.83 12.62
CA CYS B 199 -12.23 7.41 12.61
C CYS B 199 -12.84 7.08 13.97
N LYS B 200 -13.62 6.00 14.03
CA LYS B 200 -14.23 5.61 15.29
C LYS B 200 -13.28 4.75 16.12
N ASP B 201 -13.57 4.60 17.41
CA ASP B 201 -12.72 3.81 18.30
C ASP B 201 -12.73 2.31 17.96
N THR B 202 -12.53 2.02 16.67
CA THR B 202 -12.48 0.65 16.20
C THR B 202 -11.00 0.29 16.12
N PRO B 203 -10.65 -0.97 16.44
CA PRO B 203 -9.26 -1.44 16.40
C PRO B 203 -8.47 -1.10 15.13
N GLY B 204 -7.27 -0.57 15.32
CA GLY B 204 -6.40 -0.20 14.22
C GLY B 204 -6.79 1.10 13.53
N PHE B 205 -7.91 1.67 13.95
CA PHE B 205 -8.38 2.90 13.35
C PHE B 205 -8.36 2.75 11.82
N ILE B 206 -7.73 3.66 11.09
CA ILE B 206 -7.70 3.52 9.65
C ILE B 206 -6.41 2.88 9.16
N VAL B 207 -5.32 3.62 9.29
CA VAL B 207 -4.05 3.15 8.80
C VAL B 207 -3.60 1.75 9.18
N ASN B 208 -3.42 1.48 10.47
CA ASN B 208 -2.96 0.15 10.85
C ASN B 208 -4.00 -0.93 10.60
N ARG B 209 -5.27 -0.55 10.65
CA ARG B 209 -6.33 -1.53 10.39
C ARG B 209 -6.19 -2.03 8.96
N LEU B 210 -5.84 -1.14 8.05
CA LEU B 210 -5.68 -1.51 6.64
C LEU B 210 -4.28 -1.94 6.26
N LEU B 211 -3.30 -1.60 7.08
CA LEU B 211 -1.91 -1.94 6.78
C LEU B 211 -1.41 -3.22 7.43
N VAL B 212 -1.62 -3.38 8.74
CA VAL B 212 -1.08 -4.55 9.42
C VAL B 212 -1.53 -5.88 8.85
N PRO B 213 -2.85 -6.08 8.69
CA PRO B 213 -3.33 -7.34 8.12
C PRO B 213 -2.71 -7.63 6.73
N TYR B 214 -2.50 -6.59 5.93
CA TYR B 214 -1.86 -6.76 4.61
C TYR B 214 -0.43 -7.27 4.82
N LEU B 215 0.27 -6.70 5.80
CA LEU B 215 1.65 -7.12 6.10
C LEU B 215 1.69 -8.58 6.55
N MET B 216 0.71 -8.99 7.35
CA MET B 216 0.66 -10.39 7.81
C MET B 216 0.38 -11.28 6.59
N GLU B 217 -0.47 -10.81 5.69
CA GLU B 217 -0.76 -11.59 4.50
C GLU B 217 0.49 -11.81 3.69
N ALA B 218 1.34 -10.78 3.60
CA ALA B 218 2.60 -10.91 2.85
C ALA B 218 3.45 -11.99 3.50
N ILE B 219 3.56 -11.98 4.81
CA ILE B 219 4.33 -13.00 5.50
C ILE B 219 3.76 -14.38 5.18
N ARG B 220 2.43 -14.52 5.26
CA ARG B 220 1.81 -15.81 4.96
C ARG B 220 2.10 -16.32 3.55
N LEU B 221 2.10 -15.42 2.56
CA LEU B 221 2.37 -15.79 1.18
C LEU B 221 3.76 -16.40 1.16
N TYR B 222 4.66 -15.75 1.87
CA TYR B 222 6.04 -16.20 1.99
C TYR B 222 6.10 -17.56 2.68
N GLU B 223 5.46 -17.67 3.83
CA GLU B 223 5.46 -18.94 4.58
C GLU B 223 4.78 -20.09 3.83
N ARG B 224 4.03 -19.77 2.79
CA ARG B 224 3.33 -20.79 2.03
C ARG B 224 4.30 -21.34 0.99
N GLY B 225 5.35 -20.57 0.73
CA GLY B 225 6.35 -20.96 -0.24
C GLY B 225 6.01 -20.45 -1.63
N ASP B 226 5.04 -19.55 -1.71
CA ASP B 226 4.60 -19.03 -3.01
C ASP B 226 5.55 -18.06 -3.72
N ALA B 227 6.35 -17.34 -2.96
CA ALA B 227 7.30 -16.41 -3.55
C ALA B 227 8.36 -16.03 -2.51
N SER B 228 9.46 -15.43 -2.95
CA SER B 228 10.51 -15.02 -2.01
C SER B 228 10.20 -13.64 -1.44
N LYS B 229 10.77 -13.35 -0.28
CA LYS B 229 10.58 -12.06 0.35
C LYS B 229 11.01 -10.96 -0.60
N GLU B 230 12.13 -11.19 -1.30
CA GLU B 230 12.68 -10.20 -2.21
C GLU B 230 11.71 -9.86 -3.35
N ASP B 231 11.17 -10.89 -4.00
CA ASP B 231 10.21 -10.67 -5.07
C ASP B 231 8.94 -10.01 -4.54
N ILE B 232 8.46 -10.47 -3.39
CA ILE B 232 7.26 -9.85 -2.85
C ILE B 232 7.49 -8.37 -2.64
N ASP B 233 8.65 -8.05 -2.09
CA ASP B 233 8.98 -6.65 -1.85
C ASP B 233 9.04 -5.93 -3.18
N THR B 234 9.72 -6.52 -4.14
CA THR B 234 9.83 -5.90 -5.44
C THR B 234 8.45 -5.76 -6.07
N ALA B 235 7.65 -6.81 -5.92
CA ALA B 235 6.30 -6.83 -6.51
C ALA B 235 5.48 -5.65 -6.05
N MET B 236 5.39 -5.45 -4.73
CA MET B 236 4.59 -4.37 -4.20
C MET B 236 5.17 -2.99 -4.52
N LYS B 237 6.49 -2.88 -4.60
CA LYS B 237 7.08 -1.57 -4.92
C LYS B 237 6.80 -1.16 -6.36
N LEU B 238 7.14 -2.02 -7.30
CA LEU B 238 6.97 -1.74 -8.71
C LEU B 238 5.53 -1.96 -9.20
N GLY B 239 4.85 -2.94 -8.63
CA GLY B 239 3.49 -3.22 -9.06
C GLY B 239 2.42 -2.39 -8.39
N ALA B 240 2.67 -2.00 -7.13
CA ALA B 240 1.71 -1.21 -6.38
C ALA B 240 2.23 0.20 -6.05
N GLY B 241 3.48 0.48 -6.41
CA GLY B 241 4.02 1.80 -6.16
C GLY B 241 4.22 2.13 -4.69
N TYR B 242 4.41 1.12 -3.85
CA TYR B 242 4.63 1.37 -2.42
C TYR B 242 6.11 1.78 -2.19
N PRO B 243 6.35 2.67 -1.21
CA PRO B 243 7.72 3.13 -0.92
C PRO B 243 8.58 1.98 -0.48
N MET B 244 8.02 1.12 0.37
CA MET B 244 8.74 -0.04 0.85
C MET B 244 7.96 -1.33 0.63
N GLY B 245 8.67 -2.43 0.42
CA GLY B 245 8.03 -3.72 0.25
C GLY B 245 7.55 -4.11 1.64
N PRO B 246 6.58 -5.05 1.75
CA PRO B 246 6.09 -5.45 3.07
C PRO B 246 7.15 -5.91 4.10
N PHE B 247 8.12 -6.71 3.67
CA PHE B 247 9.13 -7.19 4.61
C PHE B 247 10.07 -6.07 5.04
N GLU B 248 10.39 -5.18 4.10
N GLU B 248 10.39 -5.15 4.12
CA GLU B 248 11.26 -4.04 4.38
CA GLU B 248 11.27 -4.04 4.45
C GLU B 248 10.56 -3.16 5.41
C GLU B 248 10.53 -3.19 5.49
N LEU B 249 9.25 -3.00 5.25
CA LEU B 249 8.43 -2.18 6.15
C LEU B 249 8.26 -2.83 7.51
N LEU B 250 8.03 -4.14 7.52
CA LEU B 250 7.89 -4.86 8.79
C LEU B 250 9.13 -4.61 9.64
N ASP B 251 10.31 -4.66 9.03
CA ASP B 251 11.55 -4.43 9.74
C ASP B 251 11.71 -2.97 10.19
N TYR B 252 11.06 -2.08 9.46
CA TYR B 252 11.12 -0.67 9.75
C TYR B 252 10.25 -0.33 10.95
N VAL B 253 8.99 -0.76 10.90
CA VAL B 253 8.04 -0.50 11.99
C VAL B 253 8.32 -1.36 13.23
N GLY B 254 9.14 -2.39 13.07
CA GLY B 254 9.43 -3.25 14.19
C GLY B 254 8.59 -4.52 14.15
N LEU B 255 9.23 -5.67 14.28
CA LEU B 255 8.53 -6.94 14.25
C LEU B 255 7.77 -7.21 15.54
N ASP B 256 8.38 -6.86 16.67
CA ASP B 256 7.73 -7.06 17.96
C ASP B 256 6.53 -6.14 18.06
N THR B 257 6.69 -4.91 17.61
CA THR B 257 5.62 -3.92 17.64
C THR B 257 4.42 -4.48 16.89
N THR B 258 4.68 -5.02 15.69
CA THR B 258 3.63 -5.59 14.84
C THR B 258 3.00 -6.81 15.47
N LYS B 259 3.84 -7.77 15.86
CA LYS B 259 3.37 -9.00 16.49
C LYS B 259 2.43 -8.68 17.65
N PHE B 260 2.83 -7.72 18.48
CA PHE B 260 2.03 -7.34 19.62
C PHE B 260 0.63 -6.91 19.21
N ILE B 261 0.54 -6.11 18.16
CA ILE B 261 -0.75 -5.65 17.68
C ILE B 261 -1.59 -6.79 17.10
N VAL B 262 -0.94 -7.72 16.41
CA VAL B 262 -1.64 -8.85 15.82
C VAL B 262 -2.14 -9.83 16.89
N ASP B 263 -1.33 -10.09 17.92
CA ASP B 263 -1.75 -11.00 18.98
C ASP B 263 -2.98 -10.43 19.65
N GLY B 264 -2.94 -9.14 19.96
CA GLY B 264 -4.08 -8.49 20.58
C GLY B 264 -5.34 -8.76 19.79
N TRP B 265 -5.33 -8.44 18.50
CA TRP B 265 -6.50 -8.69 17.67
C TRP B 265 -6.83 -10.17 17.63
N HIS B 266 -5.81 -11.02 17.77
CA HIS B 266 -6.03 -12.46 17.74
C HIS B 266 -6.75 -12.95 18.99
N GLU B 267 -6.37 -12.40 20.15
CA GLU B 267 -7.00 -12.79 21.40
C GLU B 267 -8.42 -12.24 21.45
N MET B 268 -8.58 -11.02 20.95
CA MET B 268 -9.87 -10.34 20.93
C MET B 268 -10.80 -10.92 19.87
N ASP B 269 -10.31 -11.88 19.10
CA ASP B 269 -11.10 -12.51 18.04
C ASP B 269 -10.27 -13.59 17.33
N ALA B 270 -10.01 -14.68 18.06
CA ALA B 270 -9.21 -15.80 17.55
C ALA B 270 -9.82 -16.50 16.35
N GLU B 271 -11.03 -16.13 15.96
CA GLU B 271 -11.67 -16.78 14.83
C GLU B 271 -11.26 -16.17 13.50
N ASN B 272 -10.90 -14.88 13.52
CA ASN B 272 -10.51 -14.17 12.30
C ASN B 272 -9.17 -14.63 11.72
N PRO B 273 -9.18 -15.14 10.47
CA PRO B 273 -8.01 -15.62 9.75
C PRO B 273 -6.89 -14.58 9.50
N LEU B 274 -7.26 -13.31 9.47
CA LEU B 274 -6.28 -12.24 9.24
C LEU B 274 -5.34 -12.05 10.42
N HIS B 275 -5.74 -12.55 11.58
CA HIS B 275 -4.96 -12.39 12.80
C HIS B 275 -4.26 -13.65 13.27
N GLN B 276 -4.28 -14.69 12.46
CA GLN B 276 -3.61 -15.93 12.83
C GLN B 276 -2.12 -15.68 12.96
N PRO B 277 -1.50 -16.21 14.03
CA PRO B 277 -0.07 -16.05 14.29
C PRO B 277 0.81 -16.62 13.18
N SER B 278 1.95 -15.98 12.97
CA SER B 278 2.90 -16.41 11.97
C SER B 278 4.11 -17.09 12.60
N PRO B 279 4.33 -18.37 12.28
CA PRO B 279 5.47 -19.08 12.85
C PRO B 279 6.74 -18.24 12.69
N SER B 280 6.99 -17.84 11.45
CA SER B 280 8.17 -17.03 11.15
C SER B 280 8.22 -15.74 11.96
N LEU B 281 7.11 -15.01 12.03
CA LEU B 281 7.08 -13.77 12.78
C LEU B 281 7.38 -14.01 14.25
N ASN B 282 6.73 -15.02 14.82
CA ASN B 282 6.94 -15.34 16.22
C ASN B 282 8.39 -15.71 16.50
N LYS B 283 8.97 -16.52 15.62
CA LYS B 283 10.35 -16.94 15.80
C LYS B 283 11.30 -15.74 15.91
N LEU B 284 11.28 -14.89 14.90
CA LEU B 284 12.15 -13.71 14.88
C LEU B 284 11.99 -12.88 16.15
N VAL B 285 10.76 -12.75 16.64
CA VAL B 285 10.53 -12.00 17.85
C VAL B 285 11.18 -12.72 19.02
N ALA B 286 10.96 -14.03 19.08
CA ALA B 286 11.54 -14.84 20.14
C ALA B 286 13.05 -14.59 20.19
N GLU B 287 13.75 -14.95 19.12
CA GLU B 287 15.18 -14.75 19.09
C GLU B 287 15.62 -13.30 18.90
N ASN B 288 14.87 -12.39 19.52
CA ASN B 288 15.13 -10.96 19.51
C ASN B 288 15.64 -10.31 18.22
N LYS B 289 15.00 -10.63 17.11
CA LYS B 289 15.35 -10.02 15.82
C LYS B 289 14.12 -9.18 15.51
N PHE B 290 14.15 -7.94 16.00
CA PHE B 290 13.02 -7.03 15.87
C PHE B 290 12.97 -6.11 14.65
N GLY B 291 13.98 -6.18 13.78
CA GLY B 291 13.96 -5.32 12.61
C GLY B 291 15.21 -4.46 12.53
N LYS B 292 15.07 -3.25 12.01
CA LYS B 292 16.22 -2.37 11.89
C LYS B 292 16.74 -1.95 13.26
N LYS B 293 15.81 -1.70 14.18
CA LYS B 293 16.15 -1.27 15.53
C LYS B 293 16.89 -2.34 16.32
N THR B 294 17.30 -3.40 15.64
CA THR B 294 18.03 -4.50 16.26
C THR B 294 19.10 -4.98 15.29
N GLY B 295 19.14 -4.34 14.12
CA GLY B 295 20.11 -4.73 13.13
C GLY B 295 19.67 -5.94 12.32
N GLU B 296 18.55 -6.54 12.74
CA GLU B 296 18.02 -7.69 12.03
C GLU B 296 16.56 -8.03 12.35
N GLY B 297 15.84 -8.33 11.28
CA GLY B 297 14.44 -8.73 11.35
C GLY B 297 14.36 -9.75 10.24
N PHE B 298 13.50 -9.53 9.24
CA PHE B 298 13.44 -10.48 8.13
C PHE B 298 14.71 -10.31 7.30
N TYR B 299 15.33 -9.14 7.41
CA TYR B 299 16.57 -8.86 6.69
C TYR B 299 17.63 -8.44 7.72
N LYS B 300 18.89 -8.40 7.30
CA LYS B 300 19.97 -7.99 8.20
C LYS B 300 20.45 -6.60 7.84
N TYR B 301 20.68 -5.75 8.84
CA TYR B 301 21.12 -4.39 8.59
C TYR B 301 22.44 -4.04 9.29
N LYS B 302 23.26 -3.25 8.59
CA LYS B 302 24.56 -2.79 9.11
C LYS B 302 25.42 -3.91 9.69
PA NAD C . -9.80 -5.65 -22.97
O1A NAD C . -11.24 -5.91 -22.87
O2A NAD C . -9.27 -4.21 -22.97
O5B NAD C . -9.16 -6.26 -24.34
C5B NAD C . -9.28 -7.68 -24.69
C4B NAD C . -9.13 -7.77 -26.20
O4B NAD C . -9.25 -9.24 -26.48
C3B NAD C . -10.31 -7.17 -27.05
O3B NAD C . -9.72 -6.16 -28.01
C2B NAD C . -11.01 -8.27 -27.77
O2B NAD C . -11.55 -8.11 -29.00
C1B NAD C . -9.92 -9.38 -27.70
N9A NAD C . -10.51 -10.69 -27.68
C8A NAD C . -11.52 -11.32 -27.01
N7A NAD C . -11.74 -12.59 -27.32
C5A NAD C . -10.83 -12.88 -28.26
C6A NAD C . -10.54 -14.14 -29.03
N6A NAD C . -11.20 -15.26 -28.87
N1A NAD C . -9.51 -13.96 -29.90
C2A NAD C . -8.75 -12.89 -30.15
N3A NAD C . -8.99 -11.67 -29.45
C4A NAD C . -10.03 -11.73 -28.52
O3 NAD C . -9.03 -6.38 -21.86
PN NAD C . -7.76 -6.28 -20.97
O1N NAD C . -8.01 -5.34 -19.87
O2N NAD C . -6.63 -5.94 -21.89
O5D NAD C . -7.50 -7.67 -20.21
C5D NAD C . -7.22 -8.83 -21.11
C4D NAD C . -6.64 -9.92 -20.25
O4D NAD C . -5.59 -9.35 -19.38
C3D NAD C . -7.58 -10.61 -19.21
O3D NAD C . -7.23 -12.00 -19.11
C2D NAD C . -7.36 -9.91 -17.85
O2D NAD C . -7.75 -10.64 -16.71
C1D NAD C . -5.84 -9.61 -17.93
N1N NAD C . -5.27 -8.42 -17.18
C2N NAD C . -5.97 -7.22 -17.03
C3N NAD C . -5.36 -6.20 -16.33
C7N NAD C . -6.08 -4.85 -16.15
O7N NAD C . -6.21 -4.25 -15.10
N7N NAD C . -6.59 -4.35 -17.38
C4N NAD C . -4.03 -6.31 -15.73
C5N NAD C . -3.41 -7.57 -15.94
C6N NAD C . -3.96 -8.61 -16.61
PA NAD D . 8.73 4.05 23.61
O1A NAD D . 8.92 2.80 24.36
O2A NAD D . 9.80 4.55 22.65
O5B NAD D . 8.56 5.33 24.60
C5B NAD D . 7.56 5.34 25.68
C4B NAD D . 8.13 6.24 26.77
O4B NAD D . 7.07 6.19 27.81
C3B NAD D . 9.39 5.69 27.54
O3B NAD D . 10.43 6.77 27.53
C2B NAD D . 9.00 5.35 28.93
O2B NAD D . 9.86 5.46 29.94
C1B NAD D . 7.71 6.21 29.06
N9A NAD D . 6.76 5.65 29.99
C8A NAD D . 6.21 4.41 30.23
N7A NAD D . 5.35 4.34 31.23
C5A NAD D . 5.26 5.59 31.73
C6A NAD D . 4.46 6.17 32.85
N6A NAD D . 3.65 5.48 33.60
N1A NAD D . 4.70 7.50 33.00
C2A NAD D . 5.50 8.32 32.32
N3A NAD D . 6.29 7.82 31.23
C4A NAD D . 6.12 6.45 30.99
O3 NAD D . 7.42 4.03 22.80
PN NAD D . 6.70 4.69 21.59
O1N NAD D . 7.10 4.07 20.32
O2N NAD D . 6.94 6.18 21.69
O5D NAD D . 5.12 4.37 21.67
C5D NAD D . 4.46 4.91 22.90
C4D NAD D . 2.97 4.90 22.65
O4D NAD D . 2.72 5.31 21.22
C3D NAD D . 2.25 3.52 22.73
O3D NAD D . 0.96 3.70 23.36
C2D NAD D . 2.10 2.98 21.30
O2D NAD D . 1.08 2.04 21.08
C1D NAD D . 1.94 4.31 20.47
N1N NAD D . 2.46 4.38 19.05
C2N NAD D . 3.66 3.81 18.66
C3N NAD D . 4.05 3.95 17.36
C7N NAD D . 5.36 3.34 16.90
O7N NAD D . 6.47 3.55 17.38
N7N NAD D . 5.18 2.44 15.80
C4N NAD D . 3.26 4.66 16.34
C5N NAD D . 2.05 5.20 16.85
C6N NAD D . 1.63 5.10 18.11
#